data_2XFV
#
_entry.id   2XFV
#
_cell.length_a   69.934
_cell.length_b   69.934
_cell.length_c   297.944
_cell.angle_alpha   90.00
_cell.angle_beta   90.00
_cell.angle_gamma   120.00
#
_symmetry.space_group_name_H-M   'P 61 2 2'
#
loop_
_entity.id
_entity.type
_entity.pdbx_description
1 polymer 'REGULATORY PROTEIN SWI6'
2 non-polymer 'CALCIUM ION'
3 non-polymer GLYCEROL
4 non-polymer 'ACETATE ION'
5 non-polymer 'CACODYLATE ION'
6 water water
#
_entity_poly.entity_id   1
_entity_poly.type   'polypeptide(L)'
_entity_poly.pdbx_seq_one_letter_code
;ALEEVVRYLGPHNEIPLTLTRDSETGHFLLKHFLPILQQYHDTGNINETNPDSFPTDEERNKLLAHYGIAVNTDDRGELW
IELEKCLQLLNMLNLFGLFQDAFEFEEPETDQDEEDPSHSKLPEN
;
_entity_poly.pdbx_strand_id   A,B
#
loop_
_chem_comp.id
_chem_comp.type
_chem_comp.name
_chem_comp.formula
ACT non-polymer 'ACETATE ION' 'C2 H3 O2 -1'
CA non-polymer 'CALCIUM ION' 'Ca 2'
CAC non-polymer 'CACODYLATE ION' 'C2 H6 As O2 -1'
GOL non-polymer GLYCEROL 'C3 H8 O3'
#
# COMPACT_ATOMS: atom_id res chain seq x y z
N ALA A 1 10.55 21.95 6.42
CA ALA A 1 11.86 21.30 6.50
C ALA A 1 11.80 20.01 5.68
N LEU A 2 12.95 19.46 5.30
CA LEU A 2 12.97 18.20 4.56
C LEU A 2 13.05 17.02 5.53
N GLU A 3 12.28 15.97 5.25
CA GLU A 3 12.30 14.74 6.04
C GLU A 3 12.66 13.64 5.07
N GLU A 4 13.44 12.66 5.50
CA GLU A 4 13.93 11.70 4.53
C GLU A 4 14.08 10.28 5.07
N VAL A 5 13.71 9.29 4.27
CA VAL A 5 13.99 7.89 4.60
CA VAL A 5 13.94 7.88 4.57
C VAL A 5 14.52 7.21 3.33
N VAL A 6 15.53 6.37 3.50
CA VAL A 6 16.07 5.64 2.35
C VAL A 6 16.06 4.13 2.61
N ARG A 7 15.74 3.36 1.58
CA ARG A 7 15.80 1.91 1.65
C ARG A 7 16.51 1.41 0.40
N TYR A 8 17.02 0.18 0.43
CA TYR A 8 17.82 -0.35 -0.68
C TYR A 8 17.25 -1.66 -1.20
N LEU A 9 17.42 -1.91 -2.49
CA LEU A 9 17.02 -3.18 -3.08
C LEU A 9 18.04 -3.65 -4.11
N GLY A 10 17.69 -4.72 -4.84
CA GLY A 10 18.62 -5.35 -5.75
C GLY A 10 19.45 -6.42 -5.06
N PRO A 11 20.08 -7.30 -5.85
CA PRO A 11 20.78 -8.47 -5.31
C PRO A 11 21.95 -8.11 -4.39
N HIS A 12 22.47 -6.90 -4.50
CA HIS A 12 23.57 -6.47 -3.63
C HIS A 12 23.24 -5.19 -2.86
N ASN A 13 21.94 -4.90 -2.71
CA ASN A 13 21.48 -3.70 -2.02
C ASN A 13 22.10 -2.46 -2.64
N GLU A 14 22.24 -2.48 -3.96
CA GLU A 14 22.92 -1.40 -4.68
C GLU A 14 21.96 -0.34 -5.24
N ILE A 15 20.66 -0.61 -5.18
CA ILE A 15 19.66 0.32 -5.72
C ILE A 15 18.92 1.06 -4.62
N PRO A 16 19.14 2.38 -4.50
CA PRO A 16 18.44 3.13 -3.46
C PRO A 16 17.09 3.68 -3.91
N LEU A 17 16.11 3.67 -3.01
CA LEU A 17 14.94 4.50 -3.19
C LEU A 17 14.85 5.44 -1.99
N THR A 18 14.94 6.75 -2.26
CA THR A 18 14.85 7.77 -1.22
C THR A 18 13.50 8.49 -1.28
N LEU A 19 12.77 8.48 -0.16
CA LEU A 19 11.59 9.34 -0.01
C LEU A 19 12.00 10.63 0.70
N THR A 20 11.87 11.74 -0.01
CA THR A 20 12.19 13.06 0.52
C THR A 20 10.90 13.87 0.57
N ARG A 21 10.45 14.21 1.78
CA ARG A 21 9.19 14.93 1.97
C ARG A 21 9.43 16.38 2.44
N ASP A 22 8.69 17.33 1.86
CA ASP A 22 8.70 18.72 2.33
C ASP A 22 7.58 18.84 3.37
N SER A 23 7.92 19.19 4.61
CA SER A 23 6.95 19.17 5.71
C SER A 23 5.92 20.30 5.59
N GLU A 24 6.23 21.31 4.78
CA GLU A 24 5.30 22.43 4.59
C GLU A 24 4.24 22.13 3.50
N THR A 25 4.63 21.49 2.40
CA THR A 25 3.68 21.13 1.35
C THR A 25 3.11 19.72 1.52
N GLY A 26 3.87 18.84 2.16
CA GLY A 26 3.50 17.43 2.24
C GLY A 26 3.87 16.60 1.02
N HIS A 27 4.51 17.22 0.03
CA HIS A 27 4.87 16.53 -1.22
C HIS A 27 6.23 15.83 -1.14
N PHE A 28 6.47 14.92 -2.08
CA PHE A 28 7.69 14.10 -2.14
C PHE A 28 8.47 14.40 -3.42
N LEU A 29 9.79 14.38 -3.36
CA LEU A 29 10.60 14.71 -4.53
C LEU A 29 10.49 13.64 -5.63
N LEU A 30 10.15 14.07 -6.84
CA LEU A 30 9.94 13.13 -7.95
C LEU A 30 11.23 12.40 -8.36
N LYS A 31 12.34 13.12 -8.40
CA LYS A 31 13.51 12.58 -9.11
C LYS A 31 13.97 11.21 -8.59
N HIS A 32 13.85 10.99 -7.28
CA HIS A 32 14.28 9.73 -6.65
C HIS A 32 13.57 8.49 -7.19
N PHE A 33 12.38 8.66 -7.75
CA PHE A 33 11.59 7.54 -8.27
C PHE A 33 11.97 7.15 -9.70
N LEU A 34 12.65 8.03 -10.42
CA LEU A 34 12.76 7.86 -11.88
C LEU A 34 13.56 6.65 -12.37
N PRO A 35 14.74 6.39 -11.80
CA PRO A 35 15.48 5.19 -12.28
C PRO A 35 14.68 3.88 -12.15
N ILE A 36 14.06 3.67 -11.00
CA ILE A 36 13.24 2.47 -10.79
C ILE A 36 12.00 2.46 -11.67
N LEU A 37 11.38 3.62 -11.84
CA LEU A 37 10.17 3.71 -12.68
C LEU A 37 10.46 3.38 -14.13
N GLN A 38 11.59 3.87 -14.63
CA GLN A 38 12.01 3.57 -16.01
C GLN A 38 12.27 2.07 -16.21
N GLN A 39 12.96 1.45 -15.26
CA GLN A 39 13.23 0.02 -15.35
C GLN A 39 11.93 -0.78 -15.29
N TYR A 40 11.03 -0.40 -14.39
CA TYR A 40 9.73 -1.06 -14.30
C TYR A 40 9.01 -0.99 -15.64
N HIS A 41 8.99 0.20 -16.23
CA HIS A 41 8.40 0.36 -17.56
C HIS A 41 9.04 -0.56 -18.60
N ASP A 42 10.37 -0.65 -18.59
CA ASP A 42 11.08 -1.40 -19.64
C ASP A 42 11.00 -2.92 -19.56
N THR A 43 11.18 -3.49 -18.36
CA THR A 43 11.22 -4.95 -18.21
C THR A 43 10.27 -5.48 -17.14
N GLY A 44 9.72 -4.58 -16.33
CA GLY A 44 8.84 -4.96 -15.24
C GLY A 44 9.56 -5.53 -14.03
N ASN A 45 10.89 -5.50 -14.05
CA ASN A 45 11.71 -6.07 -12.98
C ASN A 45 12.64 -5.01 -12.37
N ILE A 46 12.23 -4.43 -11.25
CA ILE A 46 12.98 -3.31 -10.69
C ILE A 46 14.32 -3.72 -10.08
N ASN A 47 14.47 -5.02 -9.80
CA ASN A 47 15.72 -5.52 -9.21
C ASN A 47 16.89 -5.46 -10.18
N GLU A 48 16.62 -5.22 -11.45
CA GLU A 48 17.73 -5.07 -12.41
C GLU A 48 17.98 -3.61 -12.80
N THR A 49 17.43 -2.68 -12.03
CA THR A 49 17.74 -1.25 -12.21
C THR A 49 19.24 -1.03 -12.15
N ASN A 50 19.75 -0.26 -13.10
CA ASN A 50 21.16 0.07 -13.13
C ASN A 50 21.39 1.25 -12.18
N PRO A 51 22.21 1.06 -11.15
CA PRO A 51 22.47 2.15 -10.20
C PRO A 51 23.11 3.35 -10.90
N ASP A 52 23.73 3.13 -12.05
CA ASP A 52 24.45 4.20 -12.74
C ASP A 52 23.59 5.09 -13.63
N SER A 53 22.41 4.60 -14.00
CA SER A 53 21.60 5.32 -14.99
C SER A 53 20.70 6.36 -14.34
N PHE A 54 20.49 7.47 -15.04
CA PHE A 54 19.44 8.39 -14.65
C PHE A 54 18.70 8.96 -15.86
N PRO A 55 17.37 8.84 -15.85
CA PRO A 55 16.51 9.23 -16.96
C PRO A 55 16.67 10.68 -17.38
N THR A 56 16.75 10.92 -18.69
CA THR A 56 16.83 12.29 -19.20
C THR A 56 15.47 12.95 -19.06
N ASP A 57 15.42 14.26 -19.27
CA ASP A 57 14.14 14.96 -19.21
C ASP A 57 13.15 14.43 -20.25
N GLU A 58 13.68 14.04 -21.41
CA GLU A 58 12.84 13.49 -22.46
CA GLU A 58 12.83 13.48 -22.47
C GLU A 58 12.21 12.15 -22.04
N GLU A 59 13.01 11.30 -21.42
CA GLU A 59 12.54 10.04 -20.86
C GLU A 59 11.52 10.29 -19.74
N ARG A 60 11.81 11.29 -18.90
CA ARG A 60 10.91 11.68 -17.83
C ARG A 60 9.53 12.08 -18.39
N ASN A 61 9.52 12.87 -19.46
CA ASN A 61 8.24 13.29 -20.07
C ASN A 61 7.38 12.08 -20.36
N LYS A 62 8.01 11.05 -20.93
CA LYS A 62 7.30 9.85 -21.38
C LYS A 62 6.72 9.06 -20.21
N LEU A 63 7.45 9.00 -19.10
CA LEU A 63 7.00 8.27 -17.92
C LEU A 63 5.83 9.00 -17.24
N LEU A 64 5.94 10.32 -17.12
CA LEU A 64 4.87 11.11 -16.50
C LEU A 64 3.60 10.97 -17.32
N ALA A 65 3.74 11.03 -18.65
CA ALA A 65 2.58 10.88 -19.53
C ALA A 65 1.95 9.49 -19.42
N HIS A 66 2.77 8.45 -19.54
CA HIS A 66 2.27 7.09 -19.55
C HIS A 66 1.59 6.69 -18.23
N TYR A 67 2.21 7.05 -17.11
CA TYR A 67 1.69 6.66 -15.79
C TYR A 67 0.70 7.67 -15.23
N GLY A 68 0.43 8.73 -15.98
CA GLY A 68 -0.55 9.73 -15.57
C GLY A 68 -0.19 10.40 -14.27
N ILE A 69 1.09 10.76 -14.13
CA ILE A 69 1.57 11.37 -12.91
C ILE A 69 1.58 12.90 -13.03
N ALA A 70 0.76 13.58 -12.23
CA ALA A 70 0.80 15.05 -12.17
C ALA A 70 1.93 15.48 -11.24
N VAL A 71 2.49 16.66 -11.48
CA VAL A 71 3.58 17.16 -10.63
C VAL A 71 3.31 18.59 -10.15
N ASN A 72 3.76 18.86 -8.93
CA ASN A 72 3.82 20.22 -8.41
C ASN A 72 5.23 20.76 -8.64
N THR A 73 5.33 22.07 -8.81
CA THR A 73 6.60 22.70 -9.17
C THR A 73 6.93 23.70 -8.10
N ASP A 74 8.18 23.74 -7.63
CA ASP A 74 8.60 24.74 -6.62
C ASP A 74 9.25 25.97 -7.28
N ASP A 75 9.70 26.93 -6.46
CA ASP A 75 10.24 28.18 -7.00
C ASP A 75 11.54 28.01 -7.80
N ARG A 76 12.21 26.86 -7.64
CA ARG A 76 13.43 26.58 -8.38
C ARG A 76 13.13 25.78 -9.65
N GLY A 77 11.88 25.35 -9.82
CA GLY A 77 11.55 24.48 -10.93
C GLY A 77 11.68 22.99 -10.66
N GLU A 78 12.05 22.60 -9.43
CA GLU A 78 12.14 21.17 -9.05
CA GLU A 78 12.14 21.17 -9.16
C GLU A 78 10.75 20.58 -8.94
N LEU A 79 10.62 19.30 -9.29
CA LEU A 79 9.31 18.64 -9.38
C LEU A 79 8.99 17.74 -8.19
N TRP A 80 7.74 17.80 -7.73
CA TRP A 80 7.26 17.11 -6.54
C TRP A 80 5.94 16.37 -6.83
N ILE A 81 5.65 15.31 -6.07
CA ILE A 81 4.37 14.60 -6.22
C ILE A 81 3.56 14.57 -4.91
N GLU A 82 2.24 14.38 -5.03
CA GLU A 82 1.40 14.32 -3.83
C GLU A 82 1.62 13.06 -3.03
N LEU A 83 1.28 13.12 -1.74
CA LEU A 83 1.36 11.95 -0.85
C LEU A 83 0.62 10.75 -1.43
N GLU A 84 -0.60 10.97 -1.93
CA GLU A 84 -1.38 9.83 -2.42
C GLU A 84 -0.75 9.18 -3.65
N LYS A 85 -0.13 9.99 -4.50
CA LYS A 85 0.60 9.48 -5.67
C LYS A 85 1.85 8.72 -5.22
N CYS A 86 2.54 9.22 -4.21
CA CYS A 86 3.67 8.49 -3.65
C CYS A 86 3.22 7.09 -3.20
N LEU A 87 2.11 7.03 -2.46
CA LEU A 87 1.59 5.72 -2.01
C LEU A 87 1.18 4.82 -3.18
N GLN A 88 0.52 5.40 -4.19
CA GLN A 88 0.16 4.64 -5.38
C GLN A 88 1.37 4.02 -6.08
N LEU A 89 2.44 4.81 -6.23
CA LEU A 89 3.67 4.30 -6.86
C LEU A 89 4.36 3.21 -6.04
N LEU A 90 4.42 3.37 -4.72
CA LEU A 90 5.00 2.31 -3.89
C LEU A 90 4.19 1.02 -4.00
N ASN A 91 2.86 1.14 -4.02
CA ASN A 91 2.01 -0.02 -4.20
C ASN A 91 2.23 -0.70 -5.56
N MET A 92 2.24 0.11 -6.63
CA MET A 92 2.45 -0.40 -7.99
C MET A 92 3.78 -1.17 -8.12
N LEU A 93 4.82 -0.63 -7.49
CA LEU A 93 6.17 -1.21 -7.55
C LEU A 93 6.41 -2.32 -6.50
N ASN A 94 5.37 -2.61 -5.71
CA ASN A 94 5.46 -3.57 -4.61
CA ASN A 94 5.50 -3.59 -4.63
C ASN A 94 6.59 -3.23 -3.64
N LEU A 95 6.69 -1.94 -3.31
CA LEU A 95 7.68 -1.43 -2.36
C LEU A 95 7.05 -0.83 -1.11
N PHE A 96 5.73 -0.94 -0.97
CA PHE A 96 5.10 -0.38 0.21
C PHE A 96 5.54 -1.12 1.47
N GLY A 97 5.65 -2.44 1.37
CA GLY A 97 6.14 -3.26 2.46
C GLY A 97 7.52 -2.82 2.92
N LEU A 98 8.39 -2.54 1.96
CA LEU A 98 9.76 -2.13 2.27
C LEU A 98 9.80 -0.85 3.11
N PHE A 99 8.84 0.05 2.88
CA PHE A 99 8.77 1.32 3.59
C PHE A 99 7.68 1.36 4.68
N GLN A 100 7.18 0.20 5.10
CA GLN A 100 6.05 0.15 6.03
C GLN A 100 6.22 0.97 7.32
N ASP A 101 7.42 0.99 7.88
CA ASP A 101 7.63 1.68 9.15
CA ASP A 101 7.68 1.69 9.14
C ASP A 101 7.65 3.20 9.00
N ALA A 102 7.63 3.69 7.76
CA ALA A 102 7.63 5.13 7.49
C ALA A 102 6.22 5.69 7.30
N PHE A 103 5.22 4.82 7.38
CA PHE A 103 3.82 5.22 7.21
C PHE A 103 2.95 4.68 8.35
N GLU A 104 2.04 5.52 8.85
CA GLU A 104 1.11 5.13 9.89
C GLU A 104 -0.31 5.55 9.50
N PHE A 105 -1.32 5.06 10.21
CA PHE A 105 -2.70 5.47 9.96
C PHE A 105 -2.91 6.95 10.29
N GLU A 106 -3.74 7.63 9.51
CA GLU A 106 -4.19 8.98 9.85
C GLU A 106 -4.77 8.98 11.26
N GLU A 107 -4.80 10.16 11.88
CA GLU A 107 -5.42 10.32 13.19
C GLU A 107 -6.94 10.32 13.02
N PRO A 108 -7.66 9.66 13.94
CA PRO A 108 -9.13 9.55 13.87
C PRO A 108 -9.87 10.82 14.27
N ALA B 1 -1.44 -1.38 21.73
CA ALA B 1 -2.64 -0.59 21.42
C ALA B 1 -3.17 -0.91 20.02
N LEU B 2 -4.44 -0.61 19.78
CA LEU B 2 -5.04 -0.79 18.46
C LEU B 2 -5.06 0.54 17.68
N GLU B 3 -4.79 0.46 16.38
CA GLU B 3 -4.86 1.59 15.46
C GLU B 3 -5.91 1.19 14.43
N GLU B 4 -6.81 2.10 14.05
CA GLU B 4 -7.95 1.69 13.24
C GLU B 4 -8.40 2.76 12.25
N VAL B 5 -8.72 2.35 11.02
CA VAL B 5 -9.37 3.22 10.05
C VAL B 5 -10.52 2.45 9.38
N VAL B 6 -11.58 3.15 9.02
CA VAL B 6 -12.68 2.51 8.31
C VAL B 6 -13.02 3.28 7.03
N ARG B 7 -13.33 2.54 5.97
CA ARG B 7 -13.81 3.14 4.72
C ARG B 7 -15.08 2.41 4.27
N TYR B 8 -15.86 3.03 3.41
CA TYR B 8 -17.14 2.44 2.96
C TYR B 8 -17.21 2.26 1.45
N LEU B 9 -17.87 1.20 1.02
CA LEU B 9 -18.07 0.93 -0.40
C LEU B 9 -19.52 0.50 -0.65
N GLY B 10 -19.81 0.06 -1.88
CA GLY B 10 -21.19 -0.19 -2.30
C GLY B 10 -21.80 1.04 -2.94
N PRO B 11 -22.94 0.87 -3.65
CA PRO B 11 -23.57 1.99 -4.37
C PRO B 11 -24.03 3.13 -3.46
N HIS B 12 -24.32 2.84 -2.20
CA HIS B 12 -24.70 3.90 -1.26
C HIS B 12 -23.75 4.00 -0.06
N ASN B 13 -22.52 3.51 -0.24
CA ASN B 13 -21.49 3.55 0.80
C ASN B 13 -21.98 2.92 2.11
N GLU B 14 -22.72 1.82 2.00
CA GLU B 14 -23.24 1.14 3.17
C GLU B 14 -22.45 -0.11 3.58
N ILE B 15 -21.40 -0.45 2.83
CA ILE B 15 -20.56 -1.60 3.19
C ILE B 15 -19.24 -1.11 3.79
N PRO B 16 -19.01 -1.39 5.07
CA PRO B 16 -17.76 -0.96 5.73
C PRO B 16 -16.65 -1.99 5.59
N LEU B 17 -15.42 -1.50 5.53
CA LEU B 17 -14.25 -2.36 5.71
C LEU B 17 -13.33 -1.65 6.69
N THR B 18 -13.08 -2.31 7.82
CA THR B 18 -12.26 -1.76 8.88
C THR B 18 -10.89 -2.45 8.88
N LEU B 19 -9.83 -1.64 8.86
CA LEU B 19 -8.47 -2.14 9.10
C LEU B 19 -8.10 -1.86 10.55
N THR B 20 -7.91 -2.93 11.32
CA THR B 20 -7.54 -2.83 12.72
C THR B 20 -6.14 -3.40 12.86
N ARG B 21 -5.19 -2.56 13.25
CA ARG B 21 -3.80 -2.99 13.34
CA ARG B 21 -3.80 -3.01 13.35
C ARG B 21 -3.32 -2.98 14.80
N ASP B 22 -2.65 -4.05 15.21
CA ASP B 22 -2.08 -4.07 16.56
C ASP B 22 -0.72 -3.37 16.53
N SER B 23 -0.51 -2.42 17.44
CA SER B 23 0.70 -1.60 17.44
C SER B 23 1.96 -2.42 17.76
N GLU B 24 1.80 -3.52 18.48
CA GLU B 24 2.94 -4.33 18.90
CA GLU B 24 2.93 -4.33 18.90
C GLU B 24 3.36 -5.36 17.85
N THR B 25 2.40 -6.03 17.23
CA THR B 25 2.73 -7.06 16.24
C THR B 25 2.78 -6.52 14.82
N GLY B 26 2.09 -5.40 14.58
CA GLY B 26 1.94 -4.88 13.23
C GLY B 26 0.94 -5.63 12.37
N HIS B 27 0.23 -6.60 12.96
CA HIS B 27 -0.71 -7.42 12.19
C HIS B 27 -2.10 -6.79 12.12
N PHE B 28 -2.93 -7.27 11.20
CA PHE B 28 -4.29 -6.77 10.95
C PHE B 28 -5.34 -7.80 11.32
N LEU B 29 -6.45 -7.36 11.90
CA LEU B 29 -7.47 -8.30 12.39
C LEU B 29 -8.21 -8.96 11.22
N LEU B 30 -8.24 -10.28 11.20
CA LEU B 30 -8.81 -11.02 10.07
C LEU B 30 -10.31 -10.82 9.94
N LYS B 31 -11.02 -10.80 11.06
CA LYS B 31 -12.48 -10.86 11.03
C LYS B 31 -13.13 -9.84 10.08
N HIS B 32 -12.60 -8.62 10.09
CA HIS B 32 -13.16 -7.52 9.30
C HIS B 32 -13.18 -7.79 7.79
N PHE B 33 -12.28 -8.64 7.31
CA PHE B 33 -12.21 -8.96 5.88
C PHE B 33 -13.23 -10.02 5.43
N LEU B 34 -13.77 -10.79 6.36
CA LEU B 34 -14.49 -12.02 5.97
C LEU B 34 -15.80 -11.86 5.17
N PRO B 35 -16.68 -10.91 5.56
CA PRO B 35 -17.92 -10.82 4.77
C PRO B 35 -17.66 -10.46 3.30
N ILE B 36 -16.74 -9.53 3.07
CA ILE B 36 -16.39 -9.14 1.72
C ILE B 36 -15.66 -10.26 0.96
N LEU B 37 -14.72 -10.92 1.63
CA LEU B 37 -13.99 -12.03 1.00
C LEU B 37 -14.95 -13.16 0.58
N GLN B 38 -15.91 -13.49 1.45
CA GLN B 38 -16.86 -14.53 1.10
CA GLN B 38 -16.92 -14.51 1.15
C GLN B 38 -17.75 -14.13 -0.08
N GLN B 39 -18.15 -12.87 -0.15
CA GLN B 39 -18.98 -12.42 -1.26
C GLN B 39 -18.17 -12.45 -2.54
N TYR B 40 -16.91 -12.04 -2.45
CA TYR B 40 -16.01 -12.06 -3.60
C TYR B 40 -15.84 -13.47 -4.14
N HIS B 41 -15.64 -14.42 -3.24
CA HIS B 41 -15.57 -15.83 -3.60
C HIS B 41 -16.84 -16.33 -4.28
N ASP B 42 -18.00 -15.91 -3.77
CA ASP B 42 -19.28 -16.41 -4.27
C ASP B 42 -19.73 -15.87 -5.64
N THR B 43 -19.55 -14.57 -5.88
CA THR B 43 -20.08 -13.96 -7.10
C THR B 43 -19.07 -13.04 -7.81
N GLY B 44 -17.98 -12.73 -7.13
CA GLY B 44 -16.96 -11.84 -7.68
C GLY B 44 -17.33 -10.36 -7.62
N ASN B 45 -18.47 -10.05 -7.01
CA ASN B 45 -18.94 -8.67 -6.93
C ASN B 45 -19.09 -8.22 -5.47
N ILE B 46 -18.08 -7.52 -4.95
CA ILE B 46 -18.13 -7.11 -3.55
C ILE B 46 -19.17 -6.04 -3.22
N ASN B 47 -19.73 -5.39 -4.25
CA ASN B 47 -20.83 -4.45 -4.04
C ASN B 47 -22.12 -5.13 -3.60
N GLU B 48 -22.15 -6.45 -3.68
CA GLU B 48 -23.31 -7.24 -3.24
C GLU B 48 -23.22 -7.66 -1.78
N THR B 49 -22.09 -7.37 -1.14
CA THR B 49 -21.85 -7.82 0.22
C THR B 49 -22.93 -7.36 1.20
N ASN B 50 -23.46 -8.29 1.98
CA ASN B 50 -24.25 -7.94 3.16
C ASN B 50 -23.28 -7.92 4.35
N PRO B 51 -23.03 -6.72 4.91
CA PRO B 51 -21.97 -6.59 5.94
C PRO B 51 -22.30 -7.32 7.25
N ASP B 52 -23.57 -7.67 7.44
CA ASP B 52 -23.99 -8.43 8.62
C ASP B 52 -23.82 -9.94 8.42
N SER B 53 -23.50 -10.35 7.20
CA SER B 53 -23.35 -11.76 6.88
C SER B 53 -21.91 -12.24 7.10
N PHE B 54 -21.66 -12.89 8.23
CA PHE B 54 -20.31 -13.35 8.57
C PHE B 54 -20.19 -14.86 8.38
N PRO B 55 -19.10 -15.30 7.73
CA PRO B 55 -18.88 -16.73 7.53
C PRO B 55 -18.80 -17.47 8.87
N THR B 56 -19.37 -18.69 8.91
CA THR B 56 -19.16 -19.57 10.05
C THR B 56 -17.70 -20.01 10.07
N ASP B 57 -17.27 -20.64 11.16
CA ASP B 57 -15.90 -21.12 11.24
C ASP B 57 -15.60 -22.13 10.13
N GLU B 58 -16.59 -22.97 9.82
CA GLU B 58 -16.44 -23.95 8.73
CA GLU B 58 -16.46 -23.95 8.74
C GLU B 58 -16.23 -23.25 7.39
N GLU B 59 -17.00 -22.20 7.12
CA GLU B 59 -16.83 -21.38 5.91
C GLU B 59 -15.48 -20.64 5.92
N ARG B 60 -15.07 -20.15 7.09
CA ARG B 60 -13.79 -19.46 7.19
C ARG B 60 -12.61 -20.39 6.84
N ASN B 61 -12.69 -21.63 7.31
CA ASN B 61 -11.65 -22.63 7.00
C ASN B 61 -11.44 -22.70 5.49
N LYS B 62 -12.54 -22.78 4.75
CA LYS B 62 -12.48 -22.97 3.31
C LYS B 62 -11.92 -21.73 2.59
N LEU B 63 -12.23 -20.54 3.10
CA LEU B 63 -11.69 -19.31 2.53
C LEU B 63 -10.18 -19.20 2.75
N LEU B 64 -9.73 -19.51 3.97
CA LEU B 64 -8.30 -19.45 4.27
C LEU B 64 -7.54 -20.45 3.41
N ALA B 65 -8.10 -21.64 3.25
CA ALA B 65 -7.46 -22.68 2.45
C ALA B 65 -7.38 -22.29 0.98
N HIS B 66 -8.51 -21.82 0.44
CA HIS B 66 -8.60 -21.45 -0.99
C HIS B 66 -7.66 -20.31 -1.37
N TYR B 67 -7.64 -19.26 -0.55
CA TYR B 67 -6.84 -18.07 -0.85
C TYR B 67 -5.40 -18.15 -0.33
N GLY B 68 -5.06 -19.28 0.28
CA GLY B 68 -3.72 -19.47 0.82
C GLY B 68 -3.34 -18.42 1.85
N ILE B 69 -4.27 -18.12 2.75
CA ILE B 69 -4.05 -17.11 3.77
C ILE B 69 -3.56 -17.73 5.07
N ALA B 70 -2.32 -17.40 5.47
CA ALA B 70 -1.82 -17.86 6.77
C ALA B 70 -2.24 -16.85 7.83
N VAL B 71 -2.45 -17.33 9.06
CA VAL B 71 -2.89 -16.47 10.16
C VAL B 71 -1.98 -16.56 11.38
N ASN B 72 -1.83 -15.43 12.07
CA ASN B 72 -1.23 -15.42 13.40
C ASN B 72 -2.34 -15.46 14.44
N THR B 73 -2.04 -16.03 15.60
CA THR B 73 -3.04 -16.25 16.64
C THR B 73 -2.61 -15.52 17.91
N ASP B 74 -3.53 -14.79 18.55
CA ASP B 74 -3.21 -14.17 19.83
C ASP B 74 -3.59 -15.05 21.03
N ASP B 75 -3.29 -14.56 22.25
CA ASP B 75 -3.52 -15.30 23.50
CA ASP B 75 -3.50 -15.38 23.44
C ASP B 75 -4.98 -15.65 23.74
N ARG B 76 -5.88 -14.92 23.10
CA ARG B 76 -7.31 -15.16 23.25
C ARG B 76 -7.86 -16.04 22.12
N GLY B 77 -6.98 -16.42 21.19
CA GLY B 77 -7.38 -17.27 20.07
C GLY B 77 -7.90 -16.53 18.84
N GLU B 78 -7.87 -15.19 18.84
CA GLU B 78 -8.34 -14.45 17.67
C GLU B 78 -7.29 -14.43 16.56
N LEU B 79 -7.73 -14.32 15.30
CA LEU B 79 -6.83 -14.45 14.15
C LEU B 79 -6.44 -13.13 13.51
N TRP B 80 -5.17 -13.05 13.10
CA TRP B 80 -4.61 -11.86 12.49
C TRP B 80 -3.82 -12.23 11.24
N ILE B 81 -3.58 -11.25 10.36
CA ILE B 81 -2.77 -11.47 9.16
C ILE B 81 -1.63 -10.45 9.06
N GLU B 82 -0.57 -10.82 8.33
CA GLU B 82 0.55 -9.90 8.11
C GLU B 82 0.22 -8.78 7.13
N LEU B 83 0.94 -7.67 7.27
CA LEU B 83 0.81 -6.54 6.37
C LEU B 83 0.89 -6.96 4.89
N GLU B 84 1.84 -7.81 4.55
CA GLU B 84 2.03 -8.20 3.15
CA GLU B 84 2.02 -8.23 3.14
C GLU B 84 0.77 -8.88 2.57
N LYS B 85 0.16 -9.78 3.32
CA LYS B 85 -1.09 -10.42 2.89
C LYS B 85 -2.27 -9.43 2.92
N CYS B 86 -2.31 -8.53 3.90
CA CYS B 86 -3.35 -7.49 3.91
C CYS B 86 -3.34 -6.70 2.60
N LEU B 87 -2.15 -6.26 2.18
CA LEU B 87 -2.03 -5.49 0.94
C LEU B 87 -2.40 -6.32 -0.29
N GLN B 88 -1.99 -7.58 -0.31
CA GLN B 88 -2.36 -8.47 -1.41
C GLN B 88 -3.89 -8.61 -1.52
N LEU B 89 -4.57 -8.70 -0.37
CA LEU B 89 -6.03 -8.80 -0.39
C LEU B 89 -6.68 -7.49 -0.86
N LEU B 90 -6.17 -6.36 -0.39
CA LEU B 90 -6.72 -5.07 -0.83
C LEU B 90 -6.59 -4.93 -2.35
N ASN B 91 -5.44 -5.31 -2.88
CA ASN B 91 -5.22 -5.24 -4.31
C ASN B 91 -6.09 -6.22 -5.10
N MET B 92 -6.23 -7.45 -4.61
CA MET B 92 -7.10 -8.44 -5.24
C MET B 92 -8.53 -7.91 -5.34
N LEU B 93 -8.97 -7.25 -4.28
CA LEU B 93 -10.36 -6.74 -4.20
C LEU B 93 -10.55 -5.37 -4.85
N ASN B 94 -9.45 -4.81 -5.36
CA ASN B 94 -9.44 -3.46 -5.94
C ASN B 94 -9.85 -2.41 -4.90
N LEU B 95 -9.28 -2.51 -3.70
CA LEU B 95 -9.64 -1.57 -2.64
C LEU B 95 -8.45 -0.77 -2.13
N PHE B 96 -7.29 -0.90 -2.76
CA PHE B 96 -6.16 -0.08 -2.31
C PHE B 96 -6.51 1.40 -2.46
N GLY B 97 -7.15 1.75 -3.58
CA GLY B 97 -7.54 3.14 -3.80
C GLY B 97 -8.42 3.72 -2.72
N LEU B 98 -9.30 2.90 -2.16
CA LEU B 98 -10.22 3.32 -1.11
C LEU B 98 -9.45 3.72 0.15
N PHE B 99 -8.29 3.11 0.35
CA PHE B 99 -7.45 3.33 1.53
C PHE B 99 -6.22 4.22 1.31
N GLN B 100 -5.96 4.62 0.06
CA GLN B 100 -4.83 5.51 -0.26
C GLN B 100 -4.80 6.73 0.65
N ASP B 101 -5.98 7.22 0.98
CA ASP B 101 -6.09 8.48 1.73
C ASP B 101 -6.03 8.26 3.23
N ALA B 102 -5.65 7.07 3.67
CA ALA B 102 -5.67 6.72 5.09
C ALA B 102 -4.29 6.71 5.77
N PHE B 103 -3.22 6.91 4.99
CA PHE B 103 -1.87 6.83 5.52
C PHE B 103 -1.16 8.19 5.59
N GLU B 104 -0.32 8.37 6.60
CA GLU B 104 0.49 9.58 6.74
C GLU B 104 1.96 9.19 6.93
N PHE B 105 2.86 10.01 6.40
CA PHE B 105 4.30 9.77 6.50
C PHE B 105 4.75 10.07 7.92
N GLU B 106 5.59 9.21 8.47
CA GLU B 106 6.19 9.45 9.78
C GLU B 106 7.68 9.13 9.69
N GLU B 107 8.52 10.15 9.79
CA GLU B 107 9.97 9.92 9.73
C GLU B 107 10.44 9.02 10.89
N PRO B 108 10.95 7.82 10.55
CA PRO B 108 11.35 6.83 11.56
C PRO B 108 12.42 7.35 12.51
CA CA C . -6.56 11.21 5.41
CA CA D . 12.55 15.30 -11.71
C1 GOL E . -0.66 4.60 -12.37
O1 GOL E . -0.24 4.18 -13.66
C2 GOL E . 0.52 5.06 -11.51
O2 GOL E . 0.69 6.47 -11.58
C3 GOL E . 0.16 4.69 -10.08
O3 GOL E . -1.16 5.12 -9.80
C ACT F . 19.42 15.65 -3.70
O ACT F . 19.84 16.56 -2.96
OXT ACT F . 18.35 15.88 -4.32
CH3 ACT F . 20.17 14.36 -3.87
AS CAC G . 17.04 19.63 -3.10
O1 CAC G . 16.96 18.62 -4.51
O2 CAC G . 18.12 18.94 -1.93
C1 CAC G . 17.71 21.41 -3.59
C2 CAC G . 15.24 19.77 -2.32
CA CA H . -11.65 -14.42 12.28
C1 GOL I . -4.65 -14.73 -3.38
O1 GOL I . -5.35 -15.96 -3.40
C2 GOL I . -4.94 -13.91 -2.11
O2 GOL I . -4.44 -14.56 -0.94
C3 GOL I . -4.22 -12.58 -2.26
O3 GOL I . -2.86 -12.82 -2.57
C1 GOL J . -14.07 -18.55 16.18
O1 GOL J . -14.68 -17.51 15.44
C2 GOL J . -13.19 -17.97 17.28
O2 GOL J . -12.47 -19.02 17.90
C3 GOL J . -12.24 -16.95 16.68
O3 GOL J . -11.00 -17.53 16.34
#